data_9F79
#
_entry.id   9F79
#
_cell.length_a   74.180
_cell.length_b   74.180
_cell.length_c   224.420
_cell.angle_alpha   90.00
_cell.angle_beta   90.00
_cell.angle_gamma   120.00
#
_symmetry.space_group_name_H-M   'P 32 1 2'
#
loop_
_entity.id
_entity.type
_entity.pdbx_description
1 polymer 'Eukaryotic translation initiation factor 5'
2 polymer 'Eukaryotic translation initiation factor 2 subunit beta'
3 water water
#
loop_
_entity_poly.entity_id
_entity_poly.type
_entity_poly.pdbx_seq_one_letter_code
_entity_poly.pdbx_strand_id
1 'polypeptide(L)'
;GPLGSELSRQIKAAASTLEDIEVKDDEWAVDMSEEAIRARAKELEVNSELTQLDEYGEWILEQAGEDKENLPSDVELYKK
AAELDVLNDPKIGCVLAQCLFDEDIVNEIAEHNAFFTKILVTPEYEKNFMGGIERFLGLEHKDLIPLLPKILVQLYNNDI
ISEEEIMRFGTKSSKKFVPKEVSKKVRRAAKPFITWLETAESDDDEEDDE
;
A,B
2 'polypeptide(L)' GPLGSGSGDDLFAGLKKKKKKSKSVSADAEAEKEPTDDIAEALGELSLKKKKKKTKDSSVDAFEKELAKAGLD C
#
# COMPACT_ATOMS: atom_id res chain seq x y z
N GLY A 1 -24.42 38.26 -41.65
CA GLY A 1 -23.00 38.04 -41.87
C GLY A 1 -22.73 36.63 -42.29
N PRO A 2 -21.44 36.23 -42.41
CA PRO A 2 -21.10 34.89 -42.86
C PRO A 2 -21.63 33.74 -41.99
N LEU A 3 -21.91 33.99 -40.70
CA LEU A 3 -22.32 32.92 -39.76
C LEU A 3 -23.73 32.42 -40.09
N GLY A 4 -24.65 33.34 -40.33
CA GLY A 4 -26.03 32.90 -40.48
C GLY A 4 -26.76 33.02 -39.17
N SER A 5 -28.07 33.13 -39.22
CA SER A 5 -28.91 33.33 -38.01
C SER A 5 -28.72 32.19 -37.00
N GLU A 6 -28.70 30.94 -37.45
CA GLU A 6 -28.65 29.83 -36.49
C GLU A 6 -27.30 29.80 -35.76
N LEU A 7 -26.20 29.88 -36.49
CA LEU A 7 -24.87 29.77 -35.85
C LEU A 7 -24.63 31.01 -34.97
N SER A 8 -25.12 32.18 -35.38
CA SER A 8 -24.97 33.41 -34.56
C SER A 8 -25.68 33.20 -33.23
N ARG A 9 -26.86 32.61 -33.27
CA ARG A 9 -27.63 32.36 -32.04
C ARG A 9 -26.89 31.34 -31.16
N GLN A 10 -26.37 30.28 -31.77
CA GLN A 10 -25.61 29.26 -31.02
C GLN A 10 -24.38 29.91 -30.36
N ILE A 11 -23.64 30.74 -31.09
CA ILE A 11 -22.41 31.38 -30.53
C ILE A 11 -22.79 32.31 -29.38
N LYS A 12 -23.85 33.09 -29.55
CA LYS A 12 -24.25 34.06 -28.50
C LYS A 12 -24.67 33.30 -27.23
N ALA A 13 -25.39 32.19 -27.40
CA ALA A 13 -25.83 31.38 -26.25
C ALA A 13 -24.63 30.78 -25.53
N ALA A 14 -23.64 30.33 -26.28
CA ALA A 14 -22.43 29.77 -25.68
C ALA A 14 -21.72 30.85 -24.86
N ALA A 15 -21.61 32.04 -25.43
CA ALA A 15 -20.92 33.13 -24.72
C ALA A 15 -21.65 33.43 -23.41
N SER A 16 -22.98 33.52 -23.46
CA SER A 16 -23.78 33.83 -22.27
C SER A 16 -23.66 32.69 -21.24
N THR A 17 -23.64 31.45 -21.69
CA THR A 17 -23.46 30.32 -20.76
C THR A 17 -22.12 30.47 -20.07
N LEU A 18 -21.09 30.81 -20.82
CA LEU A 18 -19.73 30.96 -20.26
C LEU A 18 -19.67 32.16 -19.31
N GLU A 19 -20.27 33.29 -19.71
CA GLU A 19 -20.33 34.48 -18.82
CA GLU A 19 -20.33 34.48 -18.83
C GLU A 19 -21.06 34.23 -17.47
N ASP A 20 -22.07 33.39 -17.55
CA ASP A 20 -22.84 33.04 -16.33
C ASP A 20 -21.96 32.20 -15.40
N ILE A 21 -21.23 31.23 -15.96
CA ILE A 21 -20.28 30.40 -15.17
C ILE A 21 -19.28 31.34 -14.48
N GLU A 22 -18.75 32.31 -15.19
CA GLU A 22 -17.72 33.20 -14.63
C GLU A 22 -18.30 33.98 -13.44
N VAL A 23 -19.53 34.47 -13.57
CA VAL A 23 -20.20 35.23 -12.47
C VAL A 23 -20.40 34.30 -11.27
N LYS A 24 -20.94 33.11 -11.51
CA LYS A 24 -21.18 32.13 -10.42
C LYS A 24 -19.87 31.79 -9.70
N ASP A 25 -18.79 31.58 -10.44
CA ASP A 25 -17.47 31.23 -9.87
C ASP A 25 -16.88 32.42 -9.11
N ASP A 26 -16.97 33.62 -9.68
CA ASP A 26 -16.39 34.83 -9.04
C ASP A 26 -17.12 35.21 -7.75
N GLU A 27 -18.40 34.91 -7.63
CA GLU A 27 -19.21 35.37 -6.46
C GLU A 27 -19.57 34.20 -5.54
N TRP A 28 -18.87 33.07 -5.67
CA TRP A 28 -19.19 31.85 -4.90
C TRP A 28 -19.24 32.13 -3.38
N ALA A 29 -18.29 32.89 -2.87
CA ALA A 29 -18.17 33.13 -1.40
C ALA A 29 -19.30 33.99 -0.84
N VAL A 30 -20.06 34.69 -1.68
CA VAL A 30 -21.22 35.51 -1.22
C VAL A 30 -22.52 34.86 -1.72
N ASP A 31 -22.41 33.68 -2.34
CA ASP A 31 -23.59 33.01 -2.93
C ASP A 31 -24.26 32.09 -1.91
N MET A 32 -25.41 32.51 -1.40
CA MET A 32 -26.16 31.72 -0.40
C MET A 32 -27.43 31.16 -1.02
N SER A 33 -27.39 30.94 -2.33
CA SER A 33 -28.50 30.26 -3.03
C SER A 33 -28.54 28.80 -2.56
N GLU A 34 -29.70 28.17 -2.65
CA GLU A 34 -29.82 26.74 -2.31
C GLU A 34 -28.86 25.93 -3.20
N GLU A 35 -28.66 26.36 -4.45
CA GLU A 35 -27.78 25.63 -5.38
C GLU A 35 -26.34 25.65 -4.84
N ALA A 36 -25.83 26.84 -4.49
CA ALA A 36 -24.44 26.96 -4.05
C ALA A 36 -24.22 26.19 -2.74
N ILE A 37 -25.16 26.32 -1.80
CA ILE A 37 -25.03 25.63 -0.48
C ILE A 37 -24.97 24.11 -0.73
N ARG A 38 -25.89 23.60 -1.52
CA ARG A 38 -25.93 22.16 -1.84
C ARG A 38 -24.66 21.75 -2.59
N ALA A 39 -24.19 22.60 -3.50
CA ALA A 39 -22.99 22.26 -4.29
C ALA A 39 -21.78 22.17 -3.38
N ARG A 40 -21.64 23.14 -2.48
CA ARG A 40 -20.48 23.15 -1.55
C ARG A 40 -20.53 21.86 -0.70
N ALA A 41 -21.71 21.41 -0.34
CA ALA A 41 -21.86 20.18 0.47
C ALA A 41 -21.45 18.96 -0.34
N LYS A 42 -21.85 18.91 -1.60
CA LYS A 42 -21.51 17.78 -2.50
C LYS A 42 -20.00 17.73 -2.80
N GLU A 43 -19.37 18.88 -2.94
CA GLU A 43 -17.94 18.91 -3.29
C GLU A 43 -17.14 18.24 -2.17
N LEU A 44 -17.62 18.35 -0.93
CA LEU A 44 -16.90 17.76 0.24
C LEU A 44 -16.94 16.22 0.16
N GLU A 45 -18.11 15.63 -0.10
CA GLU A 45 -18.25 14.16 -0.17
C GLU A 45 -17.55 13.61 -1.42
N VAL A 46 -17.77 14.25 -2.57
CA VAL A 46 -17.20 13.75 -3.86
C VAL A 46 -15.67 13.87 -3.88
N ASN A 47 -15.10 14.92 -3.29
CA ASN A 47 -13.63 15.14 -3.39
C ASN A 47 -12.87 14.75 -2.09
N SER A 48 -13.45 13.96 -1.19
CA SER A 48 -12.75 13.49 0.03
C SER A 48 -11.40 12.82 -0.30
N GLU A 49 -11.41 11.81 -1.16
CA GLU A 49 -10.15 11.11 -1.53
C GLU A 49 -9.19 12.08 -2.24
N LEU A 50 -9.72 12.93 -3.11
CA LEU A 50 -8.85 13.89 -3.84
C LEU A 50 -8.18 14.87 -2.85
N THR A 51 -8.92 15.30 -1.83
CA THR A 51 -8.37 16.21 -0.80
C THR A 51 -7.18 15.54 -0.09
N GLN A 52 -7.30 14.25 0.19
CA GLN A 52 -6.21 13.48 0.85
C GLN A 52 -4.97 13.41 -0.05
N LEU A 53 -5.16 13.12 -1.34
CA LEU A 53 -4.03 13.11 -2.30
C LEU A 53 -3.41 14.51 -2.38
N ASP A 54 -4.25 15.53 -2.43
CA ASP A 54 -3.78 16.95 -2.52
C ASP A 54 -2.90 17.28 -1.31
N GLU A 55 -3.37 16.88 -0.14
CA GLU A 55 -2.62 17.16 1.12
C GLU A 55 -1.24 16.47 1.07
N TYR A 56 -1.16 15.27 0.51
CA TYR A 56 0.13 14.56 0.38
C TYR A 56 1.06 15.32 -0.56
N GLY A 57 0.55 15.66 -1.74
CA GLY A 57 1.35 16.44 -2.71
C GLY A 57 1.79 17.76 -2.13
N GLU A 58 0.87 18.47 -1.46
CA GLU A 58 1.19 19.78 -0.85
C GLU A 58 2.33 19.61 0.17
N TRP A 59 2.24 18.60 1.01
CA TRP A 59 3.27 18.34 2.03
C TRP A 59 4.62 18.06 1.36
N ILE A 60 4.62 17.20 0.36
CA ILE A 60 5.88 16.88 -0.38
C ILE A 60 6.51 18.19 -0.89
N LEU A 61 5.72 18.99 -1.59
CA LEU A 61 6.24 20.25 -2.19
C LEU A 61 6.69 21.22 -1.09
N GLU A 62 5.89 21.38 -0.05
CA GLU A 62 6.22 22.29 1.08
C GLU A 62 7.49 21.86 1.79
N GLN A 63 7.69 20.55 1.99
CA GLN A 63 8.87 20.05 2.73
C GLN A 63 10.13 20.18 1.86
N ALA A 64 10.04 19.77 0.59
CA ALA A 64 11.23 19.78 -0.29
C ALA A 64 11.49 21.19 -0.84
N GLY A 65 10.44 21.88 -1.28
CA GLY A 65 10.64 23.19 -1.91
C GLY A 65 10.96 23.01 -3.39
N GLU A 66 11.57 24.02 -4.02
CA GLU A 66 11.92 23.94 -5.46
C GLU A 66 12.92 22.78 -5.68
N ASP A 67 13.96 22.72 -4.83
CA ASP A 67 14.97 21.64 -4.94
C ASP A 67 14.40 20.35 -4.35
N LYS A 68 14.55 19.23 -5.07
CA LYS A 68 14.03 17.93 -4.56
C LYS A 68 15.12 17.23 -3.75
N GLU A 69 16.21 17.93 -3.44
CA GLU A 69 17.27 17.36 -2.58
C GLU A 69 16.84 17.50 -1.11
N ASN A 70 15.86 18.37 -0.85
CA ASN A 70 15.34 18.58 0.54
C ASN A 70 14.14 17.65 0.76
N LEU A 71 13.89 16.74 -0.17
CA LEU A 71 12.73 15.80 -0.06
C LEU A 71 12.77 15.09 1.28
N PRO A 72 11.62 14.85 1.95
CA PRO A 72 11.61 14.08 3.18
C PRO A 72 12.12 12.68 2.88
N SER A 73 12.60 11.98 3.92
CA SER A 73 13.13 10.60 3.76
C SER A 73 12.03 9.67 3.22
N ASP A 74 12.42 8.56 2.59
CA ASP A 74 11.43 7.59 2.08
C ASP A 74 10.55 7.09 3.23
N VAL A 75 11.13 6.88 4.40
CA VAL A 75 10.33 6.47 5.60
C VAL A 75 9.31 7.58 5.89
N GLU A 76 9.74 8.83 5.85
CA GLU A 76 8.79 9.97 6.07
CA GLU A 76 8.79 9.97 6.07
C GLU A 76 7.68 10.09 4.98
N LEU A 77 8.12 9.84 3.74
CA LEU A 77 7.14 9.86 2.61
C LEU A 77 6.09 8.77 2.82
N TYR A 78 6.51 7.59 3.28
CA TYR A 78 5.55 6.47 3.51
C TYR A 78 4.65 6.78 4.70
N LYS A 79 5.25 7.28 5.77
CA LYS A 79 4.48 7.56 7.01
C LYS A 79 3.35 8.57 6.73
N LYS A 80 3.67 9.62 5.99
CA LYS A 80 2.65 10.64 5.64
C LYS A 80 1.55 10.00 4.78
N ALA A 81 1.94 9.14 3.84
CA ALA A 81 0.93 8.43 2.99
C ALA A 81 -0.05 7.66 3.87
N ALA A 82 0.49 6.95 4.87
CA ALA A 82 -0.36 6.17 5.80
C ALA A 82 -1.24 7.11 6.63
N GLU A 83 -0.62 8.18 7.11
CA GLU A 83 -1.36 9.15 7.95
C GLU A 83 -2.56 9.70 7.18
N LEU A 84 -2.39 9.93 5.88
CA LEU A 84 -3.48 10.54 5.07
C LEU A 84 -4.37 9.45 4.44
N ASP A 85 -4.08 8.20 4.78
CA ASP A 85 -4.86 7.05 4.23
C ASP A 85 -4.89 7.08 2.68
N VAL A 86 -3.75 7.28 2.02
CA VAL A 86 -3.68 7.27 0.52
C VAL A 86 -2.89 6.03 0.00
N LEU A 87 -2.39 5.20 0.91
CA LEU A 87 -1.66 3.97 0.52
C LEU A 87 -2.54 3.05 -0.33
N ASN A 88 -3.83 3.00 -0.04
CA ASN A 88 -4.77 2.08 -0.74
C ASN A 88 -5.34 2.72 -2.01
N ASP A 89 -4.75 3.83 -2.43
CA ASP A 89 -5.23 4.56 -3.64
C ASP A 89 -4.19 4.46 -4.75
N PRO A 90 -4.50 3.76 -5.84
CA PRO A 90 -3.59 3.69 -6.98
C PRO A 90 -3.12 5.05 -7.53
N LYS A 91 -3.92 6.11 -7.33
CA LYS A 91 -3.53 7.47 -7.76
C LYS A 91 -2.34 8.03 -6.97
N ILE A 92 -1.93 7.37 -5.89
CA ILE A 92 -0.73 7.84 -5.13
C ILE A 92 0.51 7.86 -6.07
N GLY A 93 0.58 6.92 -7.02
CA GLY A 93 1.67 6.92 -8.00
C GLY A 93 1.61 8.15 -8.89
N CYS A 94 0.42 8.54 -9.29
CA CYS A 94 0.24 9.78 -10.07
C CYS A 94 0.73 10.99 -9.26
N VAL A 95 0.42 11.04 -7.95
CA VAL A 95 0.86 12.16 -7.07
C VAL A 95 2.39 12.16 -6.99
N LEU A 96 2.96 11.00 -6.68
CA LEU A 96 4.42 10.91 -6.49
C LEU A 96 5.18 11.30 -7.78
N ALA A 97 4.71 10.83 -8.92
CA ALA A 97 5.39 11.12 -10.20
C ALA A 97 5.39 12.62 -10.49
N GLN A 98 4.34 13.33 -10.05
CA GLN A 98 4.20 14.78 -10.34
C GLN A 98 4.83 15.67 -9.25
N CYS A 99 5.15 15.14 -8.07
CA CYS A 99 5.61 16.00 -6.96
C CYS A 99 7.04 15.66 -6.46
N LEU A 100 7.58 14.48 -6.77
CA LEU A 100 8.89 14.09 -6.21
C LEU A 100 10.07 14.58 -7.05
N PHE A 101 9.84 14.98 -8.29
CA PHE A 101 11.03 15.27 -9.14
C PHE A 101 11.13 16.68 -9.72
N ASP A 102 12.36 17.03 -10.09
CA ASP A 102 12.64 18.32 -10.78
C ASP A 102 13.49 18.03 -12.02
N GLU A 103 14.38 18.94 -12.39
CA GLU A 103 15.22 18.78 -13.61
C GLU A 103 16.23 17.63 -13.45
N ASP A 104 16.51 17.20 -12.23
CA ASP A 104 17.47 16.10 -11.96
C ASP A 104 16.69 14.79 -11.86
N ILE A 105 15.59 14.67 -12.59
CA ILE A 105 14.72 13.45 -12.50
C ILE A 105 15.49 12.16 -12.84
N VAL A 106 16.33 12.17 -13.87
CA VAL A 106 17.03 10.92 -14.32
C VAL A 106 17.73 10.31 -13.09
N ASN A 107 18.47 11.12 -12.35
CA ASN A 107 19.13 10.63 -11.12
C ASN A 107 18.11 10.35 -10.02
N GLU A 108 17.14 11.25 -9.79
CA GLU A 108 16.17 11.12 -8.67
C GLU A 108 15.26 9.87 -8.77
N ILE A 109 14.81 9.50 -9.96
CA ILE A 109 13.82 8.39 -10.13
C ILE A 109 14.40 7.06 -9.63
N ALA A 110 15.73 6.94 -9.52
CA ALA A 110 16.36 5.68 -9.08
C ALA A 110 16.80 5.74 -7.61
N GLU A 111 16.42 6.77 -6.88
CA GLU A 111 16.87 6.94 -5.47
C GLU A 111 15.81 6.46 -4.47
N HIS A 112 14.74 5.81 -4.91
CA HIS A 112 13.63 5.41 -4.01
C HIS A 112 13.13 4.01 -4.36
N ASN A 113 14.04 3.09 -4.70
CA ASN A 113 13.66 1.73 -5.18
C ASN A 113 12.76 0.98 -4.20
N ALA A 114 13.21 0.81 -2.97
CA ALA A 114 12.44 0.04 -1.97
C ALA A 114 11.09 0.70 -1.72
N PHE A 115 11.10 2.03 -1.65
CA PHE A 115 9.84 2.78 -1.42
C PHE A 115 8.82 2.46 -2.52
N PHE A 116 9.26 2.54 -3.77
CA PHE A 116 8.34 2.29 -4.93
C PHE A 116 7.81 0.85 -4.91
N THR A 117 8.66 -0.11 -4.56
CA THR A 117 8.24 -1.53 -4.51
C THR A 117 7.13 -1.66 -3.47
N LYS A 118 7.31 -1.03 -2.32
CA LYS A 118 6.29 -1.08 -1.24
C LYS A 118 5.03 -0.27 -1.60
N ILE A 119 5.18 0.91 -2.19
CA ILE A 119 4.03 1.83 -2.47
C ILE A 119 3.24 1.39 -3.72
N LEU A 120 3.93 1.02 -4.78
CA LEU A 120 3.27 0.63 -6.06
C LEU A 120 2.83 -0.83 -5.94
N VAL A 121 1.76 -1.08 -5.21
CA VAL A 121 1.33 -2.47 -4.87
C VAL A 121 0.90 -3.28 -6.10
N THR A 122 0.14 -2.68 -7.01
CA THR A 122 -0.38 -3.40 -8.19
C THR A 122 0.04 -2.72 -9.48
N PRO A 123 -0.10 -3.37 -10.64
CA PRO A 123 0.18 -2.73 -11.92
C PRO A 123 -0.61 -1.43 -12.10
N GLU A 124 -1.79 -1.35 -11.51
CA GLU A 124 -2.62 -0.11 -11.56
C GLU A 124 -1.86 1.08 -10.94
N TYR A 125 -1.13 0.86 -9.86
CA TYR A 125 -0.28 1.92 -9.25
C TYR A 125 0.82 2.32 -10.23
N GLU A 126 1.46 1.32 -10.81
CA GLU A 126 2.52 1.58 -11.82
C GLU A 126 1.95 2.40 -13.00
N LYS A 127 0.75 2.09 -13.45
CA LYS A 127 0.12 2.81 -14.56
C LYS A 127 -0.10 4.27 -14.16
N ASN A 128 -0.61 4.48 -12.94
CA ASN A 128 -0.85 5.85 -12.42
C ASN A 128 0.47 6.60 -12.33
N PHE A 129 1.54 5.95 -11.89
CA PHE A 129 2.89 6.60 -11.84
C PHE A 129 3.31 7.03 -13.25
N MET A 130 3.15 6.13 -14.21
CA MET A 130 3.53 6.43 -15.62
C MET A 130 2.64 7.58 -16.14
N GLY A 131 1.36 7.57 -15.80
CA GLY A 131 0.47 8.69 -16.16
C GLY A 131 1.01 9.98 -15.59
N GLY A 132 1.48 9.95 -14.35
CA GLY A 132 2.05 11.12 -13.69
C GLY A 132 3.30 11.60 -14.40
N ILE A 133 4.15 10.67 -14.81
CA ILE A 133 5.35 11.05 -15.60
C ILE A 133 4.89 11.71 -16.92
N GLU A 134 3.88 11.15 -17.56
CA GLU A 134 3.34 11.71 -18.82
C GLU A 134 2.92 13.17 -18.59
N ARG A 135 2.23 13.43 -17.48
CA ARG A 135 1.79 14.81 -17.15
C ARG A 135 3.02 15.68 -16.83
N PHE A 136 3.94 15.16 -16.04
CA PHE A 136 5.11 15.97 -15.60
C PHE A 136 5.92 16.43 -16.83
N LEU A 137 6.14 15.53 -17.80
CA LEU A 137 6.98 15.87 -18.98
C LEU A 137 6.12 16.49 -20.08
N GLY A 138 4.96 15.93 -20.35
CA GLY A 138 4.12 16.38 -21.48
C GLY A 138 3.35 17.66 -21.25
N LEU A 139 3.05 17.99 -20.00
CA LEU A 139 2.21 19.17 -19.69
C LEU A 139 2.98 20.18 -18.83
N GLU A 140 3.65 19.76 -17.76
CA GLU A 140 4.27 20.71 -16.81
C GLU A 140 5.71 21.12 -17.13
N HIS A 141 6.50 20.23 -17.74
CA HIS A 141 7.94 20.52 -18.00
C HIS A 141 8.30 19.97 -19.38
N LYS A 142 7.75 20.56 -20.44
CA LYS A 142 7.95 20.06 -21.82
C LYS A 142 9.45 20.07 -22.17
N ASP A 143 10.24 20.87 -21.46
CA ASP A 143 11.71 20.96 -21.69
C ASP A 143 12.42 19.68 -21.28
N LEU A 144 11.78 18.83 -20.49
CA LEU A 144 12.47 17.61 -19.98
C LEU A 144 12.10 16.36 -20.80
N ILE A 145 11.19 16.49 -21.76
CA ILE A 145 10.75 15.33 -22.60
C ILE A 145 11.97 14.63 -23.22
N PRO A 146 13.04 15.33 -23.67
CA PRO A 146 14.23 14.66 -24.18
C PRO A 146 14.87 13.65 -23.23
N LEU A 147 14.55 13.75 -21.93
CA LEU A 147 15.14 12.84 -20.92
C LEU A 147 14.34 11.52 -20.83
N LEU A 148 13.22 11.40 -21.53
CA LEU A 148 12.35 10.22 -21.36
C LEU A 148 13.10 8.90 -21.65
N PRO A 149 13.88 8.77 -22.75
CA PRO A 149 14.63 7.53 -22.95
C PRO A 149 15.50 7.18 -21.74
N LYS A 150 16.24 8.15 -21.22
CA LYS A 150 17.06 7.92 -20.00
C LYS A 150 16.17 7.56 -18.80
N ILE A 151 15.05 8.26 -18.63
CA ILE A 151 14.13 7.99 -17.49
C ILE A 151 13.66 6.53 -17.60
N LEU A 152 13.30 6.10 -18.81
CA LEU A 152 12.79 4.72 -19.00
C LEU A 152 13.89 3.67 -18.73
N VAL A 153 15.12 3.99 -19.08
CA VAL A 153 16.24 3.05 -18.79
C VAL A 153 16.32 2.84 -17.27
N GLN A 154 16.22 3.93 -16.50
CA GLN A 154 16.30 3.87 -15.02
C GLN A 154 15.14 3.04 -14.48
N LEU A 155 13.94 3.25 -15.01
CA LEU A 155 12.75 2.50 -14.56
C LEU A 155 12.91 0.99 -14.87
N TYR A 156 13.35 0.65 -16.08
CA TYR A 156 13.49 -0.77 -16.49
C TYR A 156 14.63 -1.45 -15.75
N ASN A 157 15.82 -0.85 -15.74
CA ASN A 157 17.01 -1.46 -15.11
C ASN A 157 16.84 -1.63 -13.60
N ASN A 158 16.14 -0.71 -12.93
CA ASN A 158 15.99 -0.76 -11.45
C ASN A 158 14.74 -1.55 -11.10
N ASP A 159 13.99 -2.03 -12.10
CA ASP A 159 12.72 -2.78 -11.90
C ASP A 159 11.72 -1.93 -11.07
N ILE A 160 11.69 -0.62 -11.31
CA ILE A 160 10.71 0.26 -10.61
C ILE A 160 9.33 0.05 -11.27
N ILE A 161 9.31 0.01 -12.60
CA ILE A 161 8.05 -0.26 -13.34
C ILE A 161 8.22 -1.52 -14.19
N SER A 162 7.18 -2.34 -14.28
CA SER A 162 7.17 -3.57 -15.09
C SER A 162 7.40 -3.27 -16.58
N GLU A 163 7.93 -4.24 -17.33
CA GLU A 163 8.09 -4.07 -18.81
C GLU A 163 6.71 -3.87 -19.43
N GLU A 164 5.71 -4.58 -18.94
CA GLU A 164 4.34 -4.51 -19.50
C GLU A 164 3.79 -3.08 -19.39
N GLU A 165 3.95 -2.44 -18.24
CA GLU A 165 3.41 -1.07 -18.03
C GLU A 165 4.26 -0.05 -18.79
N ILE A 166 5.56 -0.27 -18.86
CA ILE A 166 6.43 0.63 -19.68
C ILE A 166 5.96 0.53 -21.14
N MET A 167 5.59 -0.66 -21.59
CA MET A 167 5.16 -0.86 -23.00
C MET A 167 3.81 -0.19 -23.24
N ARG A 168 2.89 -0.29 -22.28
CA ARG A 168 1.55 0.35 -22.40
C ARG A 168 1.73 1.87 -22.47
N PHE A 169 2.57 2.41 -21.60
CA PHE A 169 2.87 3.86 -21.63
C PHE A 169 3.39 4.25 -23.01
N GLY A 170 4.28 3.44 -23.56
CA GLY A 170 4.93 3.80 -24.84
C GLY A 170 4.13 3.46 -26.09
N THR A 171 3.14 2.58 -26.00
CA THR A 171 2.45 2.10 -27.22
C THR A 171 0.96 2.32 -27.20
N LYS A 172 0.39 2.71 -26.05
CA LYS A 172 -1.08 2.85 -25.94
C LYS A 172 -1.50 4.30 -25.71
N SER A 173 -2.64 4.69 -26.27
CA SER A 173 -3.16 6.06 -26.07
C SER A 173 -4.14 6.08 -24.91
N SER A 174 -3.72 6.59 -23.76
CA SER A 174 -4.69 6.70 -22.64
C SER A 174 -5.12 8.15 -22.47
N LYS A 175 -6.41 8.42 -22.67
CA LYS A 175 -6.95 9.80 -22.52
C LYS A 175 -7.15 10.14 -21.03
N LYS A 176 -6.73 9.27 -20.13
CA LYS A 176 -6.97 9.49 -18.67
C LYS A 176 -6.00 10.52 -18.08
N PHE A 177 -4.76 10.57 -18.53
CA PHE A 177 -3.78 11.48 -17.87
C PHE A 177 -3.46 12.71 -18.72
N VAL A 178 -3.38 12.54 -20.05
CA VAL A 178 -2.97 13.67 -20.92
C VAL A 178 -3.79 13.70 -22.21
N PRO A 179 -3.90 14.86 -22.87
CA PRO A 179 -4.61 14.95 -24.15
C PRO A 179 -3.91 14.13 -25.25
N LYS A 180 -4.65 13.66 -26.26
CA LYS A 180 -4.12 12.78 -27.35
C LYS A 180 -2.85 13.34 -28.02
N GLU A 181 -2.81 14.64 -28.27
CA GLU A 181 -1.62 15.26 -28.91
C GLU A 181 -0.41 15.13 -27.97
N VAL A 182 -0.62 15.34 -26.67
CA VAL A 182 0.48 15.22 -25.68
C VAL A 182 0.94 13.76 -25.62
N SER A 183 -0.01 12.83 -25.62
CA SER A 183 0.32 11.39 -25.58
C SER A 183 1.20 11.05 -26.78
N LYS A 184 0.80 11.50 -27.97
CA LYS A 184 1.55 11.21 -29.22
C LYS A 184 2.99 11.70 -29.07
N LYS A 185 3.16 12.91 -28.58
CA LYS A 185 4.50 13.50 -28.41
C LYS A 185 5.35 12.71 -27.40
N VAL A 186 4.75 12.22 -26.32
CA VAL A 186 5.53 11.52 -25.26
C VAL A 186 5.95 10.14 -25.79
N ARG A 187 5.03 9.43 -26.42
CA ARG A 187 5.32 8.11 -27.04
C ARG A 187 6.39 8.25 -28.12
N ARG A 188 6.38 9.33 -28.89
CA ARG A 188 7.48 9.57 -29.87
CA ARG A 188 7.48 9.56 -29.87
C ARG A 188 8.86 9.75 -29.20
N ALA A 189 8.83 10.52 -28.10
CA ALA A 189 10.10 10.75 -27.36
C ALA A 189 10.55 9.46 -26.68
N ALA A 190 9.60 8.57 -26.43
CA ALA A 190 9.92 7.26 -25.82
C ALA A 190 10.32 6.23 -26.88
N LYS A 191 9.93 6.42 -28.14
CA LYS A 191 10.12 5.39 -29.19
C LYS A 191 11.55 4.84 -29.23
N PRO A 192 12.62 5.67 -29.19
CA PRO A 192 13.96 5.11 -29.18
C PRO A 192 14.14 3.97 -28.15
N PHE A 193 13.64 4.13 -26.92
CA PHE A 193 13.75 3.06 -25.87
C PHE A 193 12.79 1.93 -26.19
N ILE A 194 11.56 2.28 -26.54
CA ILE A 194 10.51 1.25 -26.77
C ILE A 194 10.93 0.31 -27.92
N THR A 195 11.53 0.87 -28.97
CA THR A 195 11.97 0.05 -30.15
C THR A 195 12.97 -0.95 -29.65
N TRP A 196 13.92 -0.48 -28.86
CA TRP A 196 14.93 -1.39 -28.28
C TRP A 196 14.24 -2.50 -27.49
N LEU A 197 13.25 -2.14 -26.68
CA LEU A 197 12.58 -3.13 -25.80
C LEU A 197 11.83 -4.13 -26.66
N GLU A 198 11.09 -3.65 -27.65
CA GLU A 198 10.26 -4.53 -28.50
C GLU A 198 11.19 -5.52 -29.19
N THR A 199 12.39 -5.07 -29.56
CA THR A 199 13.34 -5.94 -30.29
C THR A 199 13.95 -6.90 -29.29
N ALA A 200 14.28 -6.42 -28.10
CA ALA A 200 14.87 -7.29 -27.07
C ALA A 200 13.88 -8.38 -26.66
N GLU A 201 12.60 -8.04 -26.61
CA GLU A 201 11.54 -9.03 -26.25
C GLU A 201 11.34 -9.99 -27.44
N SER A 202 11.41 -9.48 -28.66
CA SER A 202 11.31 -10.35 -29.86
C SER A 202 12.48 -11.35 -29.85
N ASP A 203 13.68 -10.87 -29.53
CA ASP A 203 14.87 -11.77 -29.45
C ASP A 203 14.71 -12.73 -28.27
N ASP A 204 13.92 -12.33 -27.26
CA ASP A 204 13.72 -13.18 -26.04
C ASP A 204 15.08 -13.41 -25.37
N GLY B 1 -0.40 0.79 60.14
CA GLY B 1 -1.56 -0.10 60.14
C GLY B 1 -1.19 -1.50 59.68
N PRO B 2 -2.17 -2.36 59.41
CA PRO B 2 -1.88 -3.73 59.04
C PRO B 2 -0.94 -3.90 57.83
N LEU B 3 -0.96 -2.94 56.90
CA LEU B 3 -0.16 -3.04 55.65
C LEU B 3 1.34 -2.91 55.89
N GLY B 4 1.76 -2.00 56.75
CA GLY B 4 3.19 -1.70 56.87
C GLY B 4 3.58 -0.65 55.87
N SER B 5 4.67 0.04 56.08
CA SER B 5 5.07 1.18 55.21
C SER B 5 5.23 0.74 53.74
N GLU B 6 5.94 -0.35 53.48
CA GLU B 6 6.26 -0.74 52.09
C GLU B 6 4.97 -1.01 51.32
N LEU B 7 4.11 -1.88 51.83
CA LEU B 7 2.87 -2.22 51.11
C LEU B 7 2.01 -0.95 50.96
N SER B 8 2.01 -0.07 51.97
CA SER B 8 1.18 1.16 51.92
C SER B 8 1.71 2.10 50.82
N ARG B 9 3.03 2.27 50.77
CA ARG B 9 3.65 3.11 49.73
C ARG B 9 3.29 2.56 48.34
N GLN B 10 3.35 1.24 48.18
CA GLN B 10 3.04 0.60 46.87
C GLN B 10 1.56 0.80 46.50
N ILE B 11 0.65 0.61 47.45
CA ILE B 11 -0.80 0.80 47.19
C ILE B 11 -1.04 2.27 46.82
N LYS B 12 -0.33 3.20 47.45
CA LYS B 12 -0.46 4.64 47.14
C LYS B 12 0.08 4.89 45.71
N ALA B 13 1.21 4.28 45.36
CA ALA B 13 1.81 4.43 44.02
C ALA B 13 0.87 3.88 42.95
N ALA B 14 0.26 2.73 43.21
CA ALA B 14 -0.68 2.12 42.25
C ALA B 14 -1.89 3.04 42.04
N ALA B 15 -2.45 3.55 43.13
CA ALA B 15 -3.61 4.47 43.04
C ALA B 15 -3.26 5.72 42.23
N SER B 16 -2.09 6.30 42.47
CA SER B 16 -1.66 7.52 41.76
C SER B 16 -1.50 7.22 40.25
N THR B 17 -0.87 6.09 39.93
CA THR B 17 -0.68 5.69 38.52
C THR B 17 -2.04 5.52 37.87
N LEU B 18 -2.95 4.81 38.52
CA LEU B 18 -4.31 4.59 37.97
C LEU B 18 -5.03 5.94 37.80
N GLU B 19 -4.96 6.83 38.78
CA GLU B 19 -5.56 8.19 38.64
CA GLU B 19 -5.56 8.19 38.64
C GLU B 19 -4.95 8.96 37.42
N ASP B 20 -3.63 8.82 37.30
CA ASP B 20 -2.96 9.47 36.14
CA ASP B 20 -2.94 9.47 36.13
C ASP B 20 -3.42 8.96 34.75
N ILE B 21 -3.70 7.67 34.73
CA ILE B 21 -4.19 7.06 33.46
C ILE B 21 -5.61 7.60 33.20
N GLU B 22 -6.42 7.68 34.24
CA GLU B 22 -7.81 8.19 34.10
C GLU B 22 -7.78 9.61 33.53
N VAL B 23 -6.88 10.44 34.03
CA VAL B 23 -6.81 11.87 33.59
C VAL B 23 -6.29 11.94 32.14
N LYS B 24 -5.31 11.13 31.80
CA LYS B 24 -4.75 11.11 30.42
C LYS B 24 -5.90 10.76 29.45
N ASP B 25 -6.70 9.76 29.80
CA ASP B 25 -7.83 9.32 28.96
C ASP B 25 -8.92 10.39 28.94
N ASP B 26 -9.24 10.96 30.10
CA ASP B 26 -10.28 12.02 30.18
C ASP B 26 -9.87 13.25 29.36
N GLU B 27 -8.58 13.57 29.30
CA GLU B 27 -8.12 14.82 28.64
C GLU B 27 -7.53 14.58 27.23
N TRP B 28 -7.72 13.38 26.67
CA TRP B 28 -7.10 13.02 25.36
C TRP B 28 -7.52 14.00 24.28
N ALA B 29 -8.79 14.36 24.23
CA ALA B 29 -9.33 15.20 23.14
C ALA B 29 -8.85 16.65 23.18
N VAL B 30 -8.26 17.09 24.30
CA VAL B 30 -7.72 18.48 24.40
C VAL B 30 -6.20 18.41 24.54
N ASP B 31 -5.65 17.20 24.48
CA ASP B 31 -4.18 17.05 24.66
C ASP B 31 -3.48 17.28 23.32
N MET B 32 -2.85 18.44 23.17
CA MET B 32 -2.18 18.80 21.90
C MET B 32 -0.67 18.81 22.10
N SER B 33 -0.20 18.03 23.06
CA SER B 33 1.27 17.85 23.23
C SER B 33 1.82 17.11 22.01
N GLU B 34 3.10 17.31 21.73
CA GLU B 34 3.76 16.60 20.61
C GLU B 34 3.55 15.08 20.79
N GLU B 35 3.65 14.61 22.03
CA GLU B 35 3.49 13.15 22.27
CA GLU B 35 3.47 13.14 22.31
C GLU B 35 2.06 12.59 21.99
N ALA B 36 1.08 13.41 22.33
CA ALA B 36 -0.31 12.99 22.05
C ALA B 36 -0.58 13.03 20.54
N ILE B 37 -0.04 14.04 19.88
CA ILE B 37 -0.25 14.19 18.41
C ILE B 37 0.45 13.00 17.74
N ARG B 38 1.73 12.77 18.08
CA ARG B 38 2.51 11.63 17.51
C ARG B 38 1.77 10.31 17.75
N ALA B 39 1.19 10.13 18.93
CA ALA B 39 0.51 8.87 19.23
C ALA B 39 -0.71 8.69 18.32
N ARG B 40 -1.53 9.73 18.21
CA ARG B 40 -2.77 9.62 17.40
C ARG B 40 -2.37 9.47 15.91
N ALA B 41 -1.31 10.15 15.48
CA ALA B 41 -0.83 10.04 14.10
C ALA B 41 -0.33 8.61 13.82
N LYS B 42 0.41 8.05 14.76
CA LYS B 42 0.94 6.67 14.59
C LYS B 42 -0.23 5.67 14.48
N GLU B 43 -1.26 5.79 15.32
CA GLU B 43 -2.41 4.87 15.21
C GLU B 43 -3.11 5.07 13.85
N LEU B 44 -3.27 6.32 13.42
CA LEU B 44 -3.91 6.59 12.10
C LEU B 44 -3.11 5.88 10.99
N GLU B 45 -1.79 5.97 11.04
CA GLU B 45 -0.91 5.33 10.04
C GLU B 45 -1.13 3.81 10.04
N VAL B 46 -1.19 3.19 11.22
CA VAL B 46 -1.41 1.73 11.35
C VAL B 46 -2.82 1.42 10.84
N ASN B 47 -3.80 2.24 11.23
CA ASN B 47 -5.19 1.97 10.82
C ASN B 47 -5.24 1.99 9.29
N SER B 48 -4.57 2.97 8.69
CA SER B 48 -4.58 3.14 7.21
C SER B 48 -3.87 1.97 6.51
N GLU B 49 -2.76 1.51 7.08
CA GLU B 49 -2.04 0.33 6.54
C GLU B 49 -2.98 -0.89 6.53
N LEU B 50 -3.98 -0.91 7.42
CA LEU B 50 -4.88 -2.08 7.56
C LEU B 50 -6.24 -1.91 6.89
N THR B 51 -6.48 -0.82 6.19
CA THR B 51 -7.84 -0.55 5.65
C THR B 51 -8.34 -1.72 4.78
N GLN B 52 -7.56 -2.11 3.77
CA GLN B 52 -8.03 -3.16 2.81
C GLN B 52 -8.11 -4.53 3.52
N LEU B 53 -7.14 -4.85 4.37
CA LEU B 53 -7.14 -6.13 5.13
C LEU B 53 -8.39 -6.20 6.02
N ASP B 54 -8.72 -5.11 6.71
CA ASP B 54 -9.92 -5.04 7.59
C ASP B 54 -11.19 -5.23 6.75
N GLU B 55 -11.29 -4.51 5.64
CA GLU B 55 -12.46 -4.66 4.73
C GLU B 55 -12.57 -6.14 4.27
N TYR B 56 -11.45 -6.77 3.93
CA TYR B 56 -11.46 -8.20 3.50
C TYR B 56 -11.98 -9.07 4.65
N GLY B 57 -11.42 -8.88 5.83
CA GLY B 57 -11.84 -9.66 7.01
C GLY B 57 -13.30 -9.48 7.34
N GLU B 58 -13.76 -8.23 7.37
CA GLU B 58 -15.17 -7.95 7.73
C GLU B 58 -16.09 -8.65 6.71
N TRP B 59 -15.75 -8.57 5.42
CA TRP B 59 -16.56 -9.20 4.37
C TRP B 59 -16.62 -10.71 4.59
N ILE B 60 -15.48 -11.32 4.90
CA ILE B 60 -15.46 -12.77 5.20
C ILE B 60 -16.41 -13.05 6.38
N LEU B 61 -16.25 -12.34 7.49
CA LEU B 61 -17.03 -12.61 8.72
C LEU B 61 -18.52 -12.34 8.48
N GLU B 62 -18.87 -11.27 7.78
CA GLU B 62 -20.29 -10.97 7.48
C GLU B 62 -20.89 -12.03 6.55
N GLN B 63 -20.20 -12.37 5.47
CA GLN B 63 -20.72 -13.34 4.47
C GLN B 63 -20.87 -14.72 5.11
N ALA B 64 -19.95 -15.08 6.00
CA ALA B 64 -19.98 -16.40 6.66
C ALA B 64 -20.98 -16.40 7.79
N GLY B 65 -20.91 -15.39 8.66
CA GLY B 65 -21.79 -15.39 9.84
C GLY B 65 -21.18 -16.25 10.93
N ASP B 67 -21.48 -19.65 11.06
CA ASP B 67 -21.15 -20.96 10.43
C ASP B 67 -20.26 -20.72 9.20
N LYS B 68 -19.08 -21.34 9.19
CA LYS B 68 -18.13 -21.12 8.07
C LYS B 68 -18.50 -22.00 6.87
N GLU B 69 -19.54 -22.81 6.97
CA GLU B 69 -20.03 -23.57 5.79
C GLU B 69 -20.57 -22.58 4.76
N ASN B 70 -21.16 -21.47 5.23
CA ASN B 70 -21.70 -20.42 4.34
C ASN B 70 -20.56 -19.49 3.91
N LEU B 71 -19.33 -19.84 4.26
CA LEU B 71 -18.15 -19.04 3.86
C LEU B 71 -18.27 -18.82 2.36
N PRO B 72 -17.83 -17.67 1.83
CA PRO B 72 -17.86 -17.50 0.40
C PRO B 72 -16.96 -18.57 -0.22
N SER B 73 -17.18 -18.86 -1.49
CA SER B 73 -16.37 -19.86 -2.23
C SER B 73 -14.91 -19.40 -2.35
N ASP B 74 -14.01 -20.36 -2.58
CA ASP B 74 -12.58 -20.04 -2.77
C ASP B 74 -12.47 -19.04 -3.93
N VAL B 75 -13.24 -19.28 -4.99
CA VAL B 75 -13.22 -18.38 -6.17
C VAL B 75 -13.63 -16.96 -5.73
N GLU B 76 -14.67 -16.86 -4.92
CA GLU B 76 -15.16 -15.54 -4.42
C GLU B 76 -14.13 -14.92 -3.46
N LEU B 77 -13.55 -15.74 -2.59
CA LEU B 77 -12.49 -15.27 -1.68
C LEU B 77 -11.33 -14.65 -2.50
N TYR B 78 -10.92 -15.31 -3.57
CA TYR B 78 -9.78 -14.81 -4.39
C TYR B 78 -10.17 -13.54 -5.14
N LYS B 79 -11.37 -13.53 -5.71
CA LYS B 79 -11.84 -12.36 -6.50
C LYS B 79 -11.93 -11.13 -5.59
N LYS B 80 -12.46 -11.32 -4.38
CA LYS B 80 -12.58 -10.20 -3.42
C LYS B 80 -11.19 -9.70 -3.02
N ALA B 81 -10.25 -10.62 -2.82
CA ALA B 81 -8.87 -10.25 -2.47
C ALA B 81 -8.28 -9.38 -3.58
N ALA B 82 -8.48 -9.78 -4.83
CA ALA B 82 -7.95 -9.02 -5.98
C ALA B 82 -8.63 -7.65 -6.07
N GLU B 83 -9.93 -7.60 -5.82
CA GLU B 83 -10.68 -6.33 -5.84
C GLU B 83 -10.17 -5.36 -4.75
N LEU B 84 -9.82 -5.85 -3.57
CA LEU B 84 -9.37 -5.02 -2.43
C LEU B 84 -7.84 -4.82 -2.46
N ASP B 85 -7.18 -5.37 -3.47
CA ASP B 85 -5.71 -5.25 -3.63
C ASP B 85 -4.93 -5.81 -2.43
N VAL B 86 -5.39 -6.91 -1.84
CA VAL B 86 -4.69 -7.53 -0.67
C VAL B 86 -3.82 -8.75 -1.07
N LEU B 87 -3.89 -9.19 -2.34
CA LEU B 87 -3.14 -10.37 -2.82
C LEU B 87 -1.63 -10.13 -2.66
N ASN B 88 -1.20 -8.89 -2.79
CA ASN B 88 0.25 -8.58 -2.74
C ASN B 88 0.68 -8.27 -1.30
N ASP B 89 -0.25 -8.42 -0.35
CA ASP B 89 0.04 -8.15 1.07
C ASP B 89 0.25 -9.47 1.83
N PRO B 90 1.47 -9.72 2.31
CA PRO B 90 1.75 -10.95 3.06
C PRO B 90 0.87 -11.15 4.29
N LYS B 91 0.26 -10.08 4.80
CA LYS B 91 -0.62 -10.17 5.99
C LYS B 91 -2.01 -10.73 5.63
N ILE B 92 -2.30 -10.94 4.35
CA ILE B 92 -3.58 -11.61 3.97
C ILE B 92 -3.67 -12.97 4.70
N GLY B 93 -2.54 -13.65 4.89
CA GLY B 93 -2.54 -14.93 5.62
C GLY B 93 -3.03 -14.76 7.03
N CYS B 94 -2.61 -13.71 7.71
CA CYS B 94 -3.07 -13.39 9.08
C CYS B 94 -4.60 -13.20 9.08
N VAL B 95 -5.13 -12.44 8.13
CA VAL B 95 -6.60 -12.23 8.05
C VAL B 95 -7.30 -13.59 7.85
N LEU B 96 -6.88 -14.35 6.85
CA LEU B 96 -7.57 -15.61 6.49
C LEU B 96 -7.59 -16.58 7.69
N ALA B 97 -6.44 -16.78 8.32
CA ALA B 97 -6.33 -17.71 9.47
C ALA B 97 -7.27 -17.30 10.61
N GLN B 98 -7.50 -16.00 10.79
CA GLN B 98 -8.34 -15.51 11.92
C GLN B 98 -9.81 -15.35 11.50
N CYS B 99 -10.16 -15.49 10.22
CA CYS B 99 -11.57 -15.24 9.80
C CYS B 99 -12.24 -16.44 9.10
N LEU B 100 -11.49 -17.38 8.54
CA LEU B 100 -12.10 -18.48 7.74
C LEU B 100 -12.51 -19.67 8.60
N PHE B 101 -11.95 -19.83 9.79
CA PHE B 101 -12.16 -21.10 10.53
C PHE B 101 -13.00 -20.98 11.79
N ASP B 102 -13.53 -22.14 12.20
CA ASP B 102 -14.33 -22.21 13.44
C ASP B 102 -13.96 -23.53 14.11
N GLU B 103 -14.89 -24.11 14.88
CA GLU B 103 -14.60 -25.34 15.65
C GLU B 103 -14.30 -26.51 14.70
N ASP B 104 -14.70 -26.42 13.44
CA ASP B 104 -14.46 -27.50 12.43
C ASP B 104 -13.15 -27.24 11.67
N ILE B 105 -12.20 -26.52 12.26
CA ILE B 105 -10.94 -26.13 11.55
C ILE B 105 -10.15 -27.34 11.03
N VAL B 106 -10.12 -28.45 11.77
CA VAL B 106 -9.27 -29.60 11.37
C VAL B 106 -9.69 -30.03 9.95
N ASN B 107 -10.98 -30.02 9.66
CA ASN B 107 -11.46 -30.35 8.30
C ASN B 107 -11.38 -29.14 7.38
N GLU B 108 -11.80 -27.96 7.85
CA GLU B 108 -11.87 -26.77 6.96
C GLU B 108 -10.47 -26.40 6.44
N ILE B 109 -9.43 -26.65 7.24
CA ILE B 109 -8.05 -26.22 6.86
C ILE B 109 -7.53 -27.02 5.66
N ALA B 110 -8.27 -28.04 5.20
CA ALA B 110 -7.85 -28.86 4.05
C ALA B 110 -8.87 -28.73 2.92
N GLU B 111 -9.88 -27.89 3.10
CA GLU B 111 -10.92 -27.66 2.07
C GLU B 111 -10.60 -26.44 1.18
N HIS B 112 -9.44 -25.81 1.35
CA HIS B 112 -9.06 -24.59 0.59
C HIS B 112 -7.64 -24.73 0.02
N ASN B 113 -7.23 -25.95 -0.30
CA ASN B 113 -5.82 -26.23 -0.73
C ASN B 113 -5.37 -25.38 -1.91
N ALA B 114 -6.14 -25.39 -2.99
CA ALA B 114 -5.74 -24.67 -4.21
C ALA B 114 -5.74 -23.16 -3.92
N PHE B 115 -6.70 -22.70 -3.11
CA PHE B 115 -6.77 -21.27 -2.73
C PHE B 115 -5.48 -20.87 -2.02
N PHE B 116 -5.11 -21.61 -0.98
CA PHE B 116 -3.92 -21.28 -0.18
C PHE B 116 -2.64 -21.39 -1.02
N THR B 117 -2.57 -22.38 -1.90
CA THR B 117 -1.40 -22.57 -2.79
C THR B 117 -1.27 -21.36 -3.69
N LYS B 118 -2.39 -20.87 -4.20
CA LYS B 118 -2.40 -19.67 -5.07
C LYS B 118 -2.07 -18.38 -4.30
N ILE B 119 -2.48 -18.24 -3.05
CA ILE B 119 -2.33 -16.94 -2.32
C ILE B 119 -1.08 -16.87 -1.42
N LEU B 120 -0.69 -17.98 -0.77
CA LEU B 120 0.51 -18.00 0.10
C LEU B 120 1.75 -18.15 -0.79
N VAL B 121 2.11 -17.08 -1.49
CA VAL B 121 3.20 -17.15 -2.53
C VAL B 121 4.63 -17.10 -1.97
N THR B 122 4.82 -16.66 -0.73
CA THR B 122 6.17 -16.56 -0.14
C THR B 122 6.14 -17.10 1.26
N PRO B 123 7.32 -17.50 1.80
CA PRO B 123 7.40 -17.91 3.19
C PRO B 123 6.82 -16.86 4.15
N GLU B 124 6.96 -15.58 3.83
CA GLU B 124 6.36 -14.50 4.67
CA GLU B 124 6.36 -14.50 4.67
C GLU B 124 4.81 -14.62 4.82
N TYR B 125 4.18 -15.00 3.70
CA TYR B 125 2.71 -15.23 3.74
C TYR B 125 2.39 -16.41 4.68
N GLU B 126 3.21 -17.46 4.58
CA GLU B 126 3.03 -18.67 5.42
C GLU B 126 3.23 -18.30 6.90
N LYS B 127 4.28 -17.54 7.18
CA LYS B 127 4.56 -17.10 8.58
C LYS B 127 3.35 -16.32 9.11
N ASN B 128 2.79 -15.44 8.29
CA ASN B 128 1.60 -14.64 8.70
C ASN B 128 0.40 -15.56 8.94
N PHE B 129 0.22 -16.57 8.08
CA PHE B 129 -0.89 -17.54 8.27
C PHE B 129 -0.71 -18.24 9.62
N MET B 130 0.51 -18.71 9.87
CA MET B 130 0.81 -19.44 11.12
C MET B 130 0.61 -18.51 12.34
N GLY B 131 0.97 -17.25 12.20
CA GLY B 131 0.72 -16.27 13.28
C GLY B 131 -0.76 -16.14 13.54
N GLY B 132 -1.56 -16.10 12.48
CA GLY B 132 -3.02 -16.02 12.60
C GLY B 132 -3.59 -17.22 13.31
N ILE B 133 -3.07 -18.41 13.01
CA ILE B 133 -3.50 -19.66 13.70
C ILE B 133 -3.13 -19.54 15.19
N GLU B 134 -1.92 -19.09 15.49
CA GLU B 134 -1.43 -18.91 16.88
C GLU B 134 -2.40 -17.99 17.64
N ARG B 135 -2.94 -16.98 16.96
CA ARG B 135 -3.91 -16.05 17.59
C ARG B 135 -5.27 -16.75 17.70
N PHE B 136 -5.73 -17.38 16.62
CA PHE B 136 -7.05 -18.05 16.62
C PHE B 136 -7.11 -19.05 17.79
N LEU B 137 -6.08 -19.87 17.95
CA LEU B 137 -6.09 -20.92 19.00
C LEU B 137 -5.61 -20.36 20.35
N GLY B 138 -4.47 -19.68 20.37
CA GLY B 138 -3.86 -19.18 21.61
C GLY B 138 -4.63 -18.09 22.30
N LEU B 139 -5.36 -17.27 21.56
CA LEU B 139 -6.05 -16.12 22.19
C LEU B 139 -7.56 -16.23 22.06
N GLU B 140 -8.08 -16.57 20.89
CA GLU B 140 -9.55 -16.48 20.67
C GLU B 140 -10.32 -17.79 20.93
N HIS B 141 -9.67 -18.94 20.83
CA HIS B 141 -10.38 -20.24 20.98
C HIS B 141 -9.42 -21.22 21.67
N LYS B 142 -9.11 -20.97 22.95
CA LYS B 142 -8.09 -21.78 23.66
C LYS B 142 -8.56 -23.25 23.79
N ASP B 143 -9.86 -23.47 23.72
CA ASP B 143 -10.41 -24.84 23.78
C ASP B 143 -9.96 -25.67 22.58
N LEU B 144 -9.50 -25.04 21.49
CA LEU B 144 -9.18 -25.78 20.25
C LEU B 144 -7.67 -26.04 20.16
N ILE B 145 -6.92 -25.54 21.14
CA ILE B 145 -5.44 -25.77 21.15
C ILE B 145 -5.11 -27.27 21.05
N PRO B 146 -5.82 -28.19 21.73
CA PRO B 146 -5.55 -29.62 21.55
C PRO B 146 -5.58 -30.11 20.10
N LEU B 147 -6.26 -29.41 19.20
CA LEU B 147 -6.33 -29.79 17.77
C LEU B 147 -5.05 -29.43 17.00
N LEU B 148 -4.09 -28.75 17.61
CA LEU B 148 -2.92 -28.25 16.85
C LEU B 148 -2.14 -29.36 16.13
N PRO B 149 -1.76 -30.50 16.76
CA PRO B 149 -1.03 -31.53 16.04
C PRO B 149 -1.79 -31.97 14.82
N LYS B 150 -3.10 -32.14 14.95
CA LYS B 150 -3.94 -32.52 13.79
C LYS B 150 -3.95 -31.42 12.72
N ILE B 151 -4.09 -30.17 13.14
CA ILE B 151 -4.06 -29.02 12.19
C ILE B 151 -2.72 -29.04 11.46
N LEU B 152 -1.63 -29.22 12.18
CA LEU B 152 -0.30 -29.18 11.56
C LEU B 152 -0.18 -30.35 10.55
N VAL B 153 -0.79 -31.49 10.89
CA VAL B 153 -0.68 -32.68 10.01
C VAL B 153 -1.32 -32.32 8.67
N GLN B 154 -2.49 -31.70 8.71
CA GLN B 154 -3.18 -31.28 7.48
C GLN B 154 -2.31 -30.30 6.71
N LEU B 155 -1.76 -29.30 7.40
CA LEU B 155 -0.97 -28.26 6.73
C LEU B 155 0.26 -28.89 6.06
N TYR B 156 0.90 -29.85 6.73
CA TYR B 156 2.10 -30.52 6.18
C TYR B 156 1.71 -31.49 5.06
N ASN B 157 0.63 -32.25 5.23
CA ASN B 157 0.20 -33.26 4.23
C ASN B 157 -0.32 -32.62 2.96
N ASN B 158 -0.93 -31.43 3.07
CA ASN B 158 -1.55 -30.78 1.88
C ASN B 158 -0.58 -29.75 1.30
N ASP B 159 0.63 -29.70 1.82
CA ASP B 159 1.67 -28.77 1.31
C ASP B 159 1.17 -27.31 1.37
N ILE B 160 0.32 -26.99 2.35
CA ILE B 160 -0.21 -25.60 2.53
C ILE B 160 0.89 -24.74 3.17
N ILE B 161 1.58 -25.27 4.17
CA ILE B 161 2.69 -24.56 4.84
C ILE B 161 3.96 -25.41 4.74
N SER B 162 5.08 -24.79 4.44
CA SER B 162 6.39 -25.47 4.34
C SER B 162 6.78 -26.10 5.68
N GLU B 163 7.59 -27.14 5.64
CA GLU B 163 8.07 -27.76 6.91
C GLU B 163 8.93 -26.72 7.65
N GLU B 164 9.71 -25.94 6.91
CA GLU B 164 10.59 -24.91 7.52
C GLU B 164 9.75 -23.92 8.35
N GLU B 165 8.58 -23.53 7.84
CA GLU B 165 7.72 -22.57 8.56
C GLU B 165 6.95 -23.26 9.70
N ILE B 166 6.51 -24.50 9.50
CA ILE B 166 5.86 -25.24 10.62
C ILE B 166 6.86 -25.39 11.77
N MET B 167 8.12 -25.64 11.43
CA MET B 167 9.17 -25.80 12.47
C MET B 167 9.37 -24.46 13.21
N ARG B 168 9.39 -23.34 12.48
CA ARG B 168 9.56 -22.01 13.11
C ARG B 168 8.42 -21.77 14.10
N PHE B 169 7.19 -22.06 13.70
CA PHE B 169 6.02 -21.88 14.57
C PHE B 169 6.15 -22.73 15.82
N GLY B 170 6.65 -23.95 15.66
CA GLY B 170 6.72 -24.86 16.82
C GLY B 170 7.97 -24.72 17.65
N THR B 171 9.02 -24.09 17.12
CA THR B 171 10.31 -24.02 17.84
C THR B 171 10.67 -22.60 18.21
N LYS B 172 10.17 -21.60 17.49
CA LYS B 172 10.59 -20.20 17.74
C LYS B 172 9.54 -19.44 18.56
N SER B 173 10.03 -18.60 19.46
CA SER B 173 9.12 -17.78 20.31
C SER B 173 8.77 -16.51 19.54
N SER B 174 7.48 -16.29 19.28
CA SER B 174 7.09 -15.02 18.65
C SER B 174 6.75 -14.02 19.74
N LYS B 175 6.83 -12.74 19.40
CA LYS B 175 6.30 -11.72 20.32
C LYS B 175 5.31 -10.99 19.39
N LYS B 176 5.49 -11.16 18.09
CA LYS B 176 4.67 -10.40 17.11
C LYS B 176 3.18 -10.76 17.16
N PHE B 177 2.84 -12.04 17.20
CA PHE B 177 1.41 -12.42 17.09
C PHE B 177 0.80 -12.70 18.44
N VAL B 178 1.59 -13.24 19.35
CA VAL B 178 1.01 -13.68 20.65
C VAL B 178 1.98 -13.41 21.81
N PRO B 179 1.46 -13.24 23.03
CA PRO B 179 2.32 -13.05 24.18
C PRO B 179 3.16 -14.30 24.45
N LYS B 180 4.32 -14.16 25.12
CA LYS B 180 5.27 -15.28 25.38
C LYS B 180 4.57 -16.47 26.06
N GLU B 181 3.69 -16.20 27.01
CA GLU B 181 2.94 -17.28 27.70
C GLU B 181 2.12 -18.08 26.68
N VAL B 182 1.45 -17.40 25.76
CA VAL B 182 0.60 -18.08 24.73
C VAL B 182 1.52 -18.85 23.76
N SER B 183 2.64 -18.27 23.36
CA SER B 183 3.59 -18.97 22.46
C SER B 183 4.06 -20.29 23.11
N LYS B 184 4.39 -20.25 24.40
CA LYS B 184 4.87 -21.44 25.15
C LYS B 184 3.77 -22.50 25.18
N LYS B 185 2.55 -22.10 25.51
CA LYS B 185 1.42 -23.05 25.51
C LYS B 185 1.21 -23.65 24.11
N VAL B 186 1.20 -22.83 23.06
CA VAL B 186 0.92 -23.33 21.68
C VAL B 186 2.05 -24.26 21.24
N ARG B 187 3.29 -23.90 21.52
CA ARG B 187 4.44 -24.72 21.08
C ARG B 187 4.44 -26.08 21.82
N ARG B 188 3.93 -26.09 23.04
CA ARG B 188 3.87 -27.35 23.83
C ARG B 188 2.80 -28.25 23.22
N ALA B 189 1.68 -27.66 22.81
CA ALA B 189 0.58 -28.46 22.23
C ALA B 189 0.99 -28.97 20.86
N ALA B 190 1.97 -28.33 20.25
CA ALA B 190 2.43 -28.74 18.92
C ALA B 190 3.57 -29.76 19.03
N LYS B 191 4.19 -29.85 20.20
CA LYS B 191 5.39 -30.69 20.36
C LYS B 191 5.18 -32.11 19.77
N PRO B 192 4.04 -32.80 20.01
CA PRO B 192 3.88 -34.14 19.46
C PRO B 192 4.16 -34.23 17.97
N PHE B 193 3.61 -33.31 17.18
CA PHE B 193 3.87 -33.30 15.71
C PHE B 193 5.29 -32.80 15.45
N ILE B 194 5.71 -31.76 16.15
CA ILE B 194 7.05 -31.15 15.85
C ILE B 194 8.13 -32.22 16.06
N THR B 195 8.01 -33.00 17.13
CA THR B 195 9.01 -34.04 17.42
C THR B 195 9.10 -34.96 16.25
N TRP B 196 7.96 -35.38 15.72
CA TRP B 196 7.93 -36.28 14.55
C TRP B 196 8.64 -35.63 13.37
N LEU B 197 8.37 -34.35 13.13
CA LEU B 197 8.95 -33.66 11.95
C LEU B 197 10.47 -33.56 12.12
N GLU B 198 10.90 -33.33 13.34
CA GLU B 198 12.36 -33.22 13.60
C GLU B 198 13.05 -34.55 13.28
N THR B 199 12.42 -35.67 13.62
CA THR B 199 13.01 -36.99 13.41
C THR B 199 13.06 -37.25 11.92
N ALA B 200 11.94 -37.00 11.24
CA ALA B 200 11.88 -37.20 9.77
C ALA B 200 13.00 -36.41 9.09
N GLU B 201 13.16 -35.14 9.49
CA GLU B 201 14.23 -34.30 8.91
C GLU B 201 15.60 -34.91 9.22
N SER B 202 15.80 -35.39 10.45
CA SER B 202 17.08 -36.04 10.82
C SER B 202 17.29 -37.30 9.98
N ASP B 203 16.24 -38.11 9.83
CA ASP B 203 16.34 -39.37 9.05
C ASP B 203 16.67 -39.05 7.59
N ASP B 204 16.07 -37.98 7.04
CA ASP B 204 16.33 -37.57 5.64
C ASP B 204 17.43 -36.50 5.62
N LYS C 33 20.78 21.14 -36.89
CA LYS C 33 21.45 19.98 -36.25
C LYS C 33 21.11 19.97 -34.77
N GLU C 34 20.28 19.02 -34.33
CA GLU C 34 19.80 18.97 -32.93
C GLU C 34 20.87 18.37 -32.01
N PRO C 35 20.84 18.72 -30.70
CA PRO C 35 21.77 18.14 -29.75
C PRO C 35 21.55 16.65 -29.61
N THR C 36 22.57 15.91 -29.19
CA THR C 36 22.46 14.45 -29.15
C THR C 36 22.81 13.95 -27.77
N ASP C 37 23.11 14.86 -26.84
CA ASP C 37 23.57 14.44 -25.50
C ASP C 37 22.55 13.52 -24.83
N ASP C 38 21.28 13.87 -24.87
CA ASP C 38 20.26 13.10 -24.10
C ASP C 38 20.07 11.72 -24.74
N ILE C 39 19.87 11.69 -26.05
CA ILE C 39 19.68 10.38 -26.74
C ILE C 39 20.96 9.55 -26.62
N ALA C 40 22.14 10.15 -26.81
CA ALA C 40 23.40 9.37 -26.83
C ALA C 40 23.64 8.71 -25.48
N GLU C 41 23.38 9.45 -24.41
CA GLU C 41 23.56 8.88 -23.04
C GLU C 41 22.63 7.68 -22.89
N ALA C 42 21.37 7.82 -23.32
CA ALA C 42 20.42 6.70 -23.25
C ALA C 42 20.90 5.54 -24.13
N LEU C 43 21.29 5.84 -25.37
CA LEU C 43 21.74 4.79 -26.32
C LEU C 43 22.90 4.01 -25.68
N GLY C 44 23.80 4.71 -25.01
CA GLY C 44 24.96 4.04 -24.38
C GLY C 44 24.56 3.18 -23.21
N GLU C 45 23.52 3.58 -22.47
CA GLU C 45 23.10 2.83 -21.26
C GLU C 45 22.25 1.62 -21.65
N LEU C 46 21.73 1.59 -22.88
CA LEU C 46 20.83 0.49 -23.26
C LEU C 46 21.49 -0.85 -22.89
N SER C 47 20.78 -1.69 -22.13
CA SER C 47 21.33 -3.01 -21.72
C SER C 47 20.21 -3.89 -21.18
N LEU C 48 20.20 -5.18 -21.57
CA LEU C 48 19.18 -6.12 -21.06
C LEU C 48 19.47 -6.38 -19.57
N LYS C 49 20.67 -6.04 -19.11
CA LYS C 49 21.02 -6.22 -17.67
C LYS C 49 19.97 -5.51 -16.82
N LYS C 50 19.42 -6.21 -15.82
CA LYS C 50 18.35 -5.62 -14.98
C LYS C 50 18.68 -5.87 -13.50
N LYS C 51 18.04 -5.12 -12.59
CA LYS C 51 18.25 -5.37 -11.15
C LYS C 51 17.79 -6.79 -10.82
N LYS C 52 18.61 -7.54 -10.06
CA LYS C 52 18.21 -8.91 -9.65
C LYS C 52 16.95 -8.83 -8.78
N LYS C 53 16.02 -9.77 -8.94
CA LYS C 53 14.80 -9.78 -8.09
C LYS C 53 15.23 -9.86 -6.62
N LYS C 54 16.24 -10.70 -6.32
CA LYS C 54 16.73 -10.83 -4.92
C LYS C 54 17.28 -9.48 -4.45
N THR C 55 18.01 -8.77 -5.31
CA THR C 55 18.56 -7.44 -4.95
C THR C 55 17.41 -6.51 -4.63
N LYS C 56 16.36 -6.53 -5.46
CA LYS C 56 15.16 -5.69 -5.22
C LYS C 56 14.54 -6.08 -3.88
N ASP C 57 14.40 -7.39 -3.62
CA ASP C 57 13.77 -7.87 -2.37
C ASP C 57 14.66 -7.55 -1.16
N SER C 58 15.98 -7.49 -1.38
CA SER C 58 16.93 -7.21 -0.27
C SER C 58 16.81 -5.74 0.15
N SER C 59 16.80 -4.82 -0.83
CA SER C 59 16.68 -3.37 -0.51
C SER C 59 15.37 -3.20 0.26
N VAL C 60 14.37 -4.00 -0.10
CA VAL C 60 13.05 -3.95 0.58
C VAL C 60 13.26 -4.25 2.06
N ASP C 61 14.18 -5.14 2.41
CA ASP C 61 14.34 -5.57 3.82
C ASP C 61 14.85 -4.41 4.68
N ALA C 62 15.88 -3.70 4.23
CA ALA C 62 16.35 -2.53 5.01
C ALA C 62 15.21 -1.53 5.21
N PHE C 63 14.40 -1.33 4.18
CA PHE C 63 13.31 -0.33 4.25
C PHE C 63 12.29 -0.79 5.27
N GLU C 64 11.94 -2.06 5.22
CA GLU C 64 10.93 -2.61 6.16
C GLU C 64 11.49 -2.52 7.58
N LYS C 65 12.79 -2.65 7.73
CA LYS C 65 13.42 -2.54 9.06
C LYS C 65 13.25 -1.10 9.56
N GLU C 66 13.54 -0.12 8.70
CA GLU C 66 13.30 1.29 9.07
C GLU C 66 11.81 1.50 9.42
N LEU C 67 10.90 0.82 8.71
CA LEU C 67 9.46 1.01 8.95
C LEU C 67 9.10 0.42 10.32
N ALA C 68 9.63 -0.75 10.63
CA ALA C 68 9.38 -1.43 11.93
C ALA C 68 9.84 -0.52 13.07
N LYS C 69 10.97 0.15 12.87
CA LYS C 69 11.45 1.09 13.92
C LYS C 69 10.44 2.22 14.11
N ALA C 70 9.57 2.47 13.12
CA ALA C 70 8.58 3.56 13.22
C ALA C 70 7.21 3.01 13.60
N GLY C 71 7.13 1.70 13.86
CA GLY C 71 5.86 1.08 14.26
C GLY C 71 4.97 0.68 13.11
N LEU C 72 5.50 0.58 11.89
CA LEU C 72 4.64 0.31 10.71
C LEU C 72 5.03 -1.03 10.04
#